data_7G8S
#
_entry.id   7G8S
#
_cell.length_a   71.100
_cell.length_b   71.100
_cell.length_c   196.276
_cell.angle_alpha   90.000
_cell.angle_beta   90.000
_cell.angle_gamma   90.000
#
_symmetry.space_group_name_H-M   'P 43 21 2'
#
loop_
_entity.id
_entity.type
_entity.pdbx_description
1 polymer 'Transforming protein RhoA'
2 polymer 'Rho guanine nucleotide exchange factor 2'
3 non-polymer 5-(methoxymethyl)-1,2-oxazole-3-carboxamide
4 non-polymer 'DIMETHYL SULFOXIDE'
5 non-polymer 'FORMIC ACID'
6 water water
#
loop_
_entity_poly.entity_id
_entity_poly.type
_entity_poly.pdbx_seq_one_letter_code
_entity_poly.pdbx_strand_id
1 'polypeptide(L)'
;SMAAIRKKLVIVGDGACGKTCLLIVFSKDQFPEVYVPTVFENYVADIEVDGKQVELALWDTAGQEDYDRLRPLSYPDTDV
ILMCFSIDSPDSLENIPEKWTPEVKHFCPNVPIILVGNKKDLRNDEHTRRELAKMKQEPVKPEEGRDMANRIGAFGYMEC
SAKTKDGVREVFEMATRAALQARRG
;
A
2 'polypeptide(L)'
;SMEMDEKDFAADSWSLAVDSSFLQQHKKEVMKQQDVIYELIQTELHHVRTLKIMTRLFRTGMLEELHLEPGVVQGLFPCV
DELSDIHTRFLSQLLERRRQALCPGSTRNFVIHRLGDLLISQFSGPSAEQMCKTYSEFCSRHSKALKLYKELYARDKRFQ
QFIRKVTRPAVLKRHGVQECILLVTQRITKYPLLISRILQHSHGIEEERQDLTTALGLVKELLSNVDEGIYQLEKGARLQ
EIYNR
;
B
#
# COMPACT_ATOMS: atom_id res chain seq x y z
N ALA A 4 -1.01 14.81 -20.72
CA ALA A 4 -1.44 14.73 -19.33
C ALA A 4 -0.25 14.90 -18.39
N ILE A 5 -0.40 15.77 -17.39
CA ILE A 5 0.64 15.98 -16.40
C ILE A 5 0.41 14.97 -15.27
N ARG A 6 1.48 14.53 -14.63
CA ARG A 6 1.39 13.56 -13.54
C ARG A 6 1.37 14.27 -12.17
N LYS A 7 0.40 13.95 -11.32
CA LYS A 7 0.30 14.47 -9.97
C LYS A 7 0.20 13.31 -8.98
N LYS A 8 0.59 13.53 -7.71
CA LYS A 8 0.55 12.48 -6.71
C LYS A 8 -0.33 12.91 -5.53
N LEU A 9 -1.22 11.99 -5.12
CA LEU A 9 -2.16 12.19 -4.02
C LEU A 9 -1.85 11.16 -2.94
N VAL A 10 -1.85 11.58 -1.68
CA VAL A 10 -1.68 10.64 -0.56
C VAL A 10 -2.83 10.89 0.41
N ILE A 11 -3.45 9.81 0.93
CA ILE A 11 -4.52 9.97 1.92
CA ILE A 11 -4.52 9.94 1.92
C ILE A 11 -3.99 9.57 3.30
N VAL A 12 -4.28 10.42 4.28
CA VAL A 12 -3.83 10.21 5.67
CA VAL A 12 -3.82 10.25 5.65
C VAL A 12 -5.04 10.26 6.61
N GLY A 13 -4.86 9.74 7.82
CA GLY A 13 -5.93 9.69 8.81
C GLY A 13 -5.83 8.43 9.68
N ASP A 14 -6.64 8.40 10.74
CA ASP A 14 -6.62 7.26 11.67
C ASP A 14 -7.07 5.96 10.98
N GLY A 15 -6.71 4.83 11.60
CA GLY A 15 -7.05 3.51 11.11
C GLY A 15 -8.52 3.28 10.78
N ALA A 16 -9.45 3.86 11.56
CA ALA A 16 -10.88 3.63 11.28
C ALA A 16 -11.55 4.76 10.48
N CYS A 17 -10.77 5.57 9.76
CA CYS A 17 -11.33 6.71 9.03
C CYS A 17 -11.97 6.36 7.68
N GLY A 18 -11.69 5.16 7.14
CA GLY A 18 -12.27 4.73 5.87
C GLY A 18 -11.48 5.12 4.63
N LYS A 19 -10.19 5.50 4.81
CA LYS A 19 -9.36 5.92 3.66
CA LYS A 19 -9.36 5.92 3.66
C LYS A 19 -9.17 4.83 2.62
N THR A 20 -8.95 3.57 3.07
CA THR A 20 -8.73 2.47 2.11
C THR A 20 -10.00 2.26 1.26
N CYS A 21 -11.16 2.24 1.92
CA CYS A 21 -12.44 2.05 1.22
CA CYS A 21 -12.41 2.04 1.20
C CYS A 21 -12.69 3.17 0.21
N LEU A 22 -12.35 4.40 0.58
CA LEU A 22 -12.55 5.54 -0.32
C LEU A 22 -11.69 5.38 -1.60
N LEU A 23 -10.39 5.02 -1.46
CA LEU A 23 -9.54 4.77 -2.65
C LEU A 23 -10.06 3.60 -3.51
N ILE A 24 -10.50 2.52 -2.87
CA ILE A 24 -11.02 1.35 -3.61
C ILE A 24 -12.25 1.75 -4.44
N VAL A 25 -13.23 2.39 -3.79
CA VAL A 25 -14.47 2.78 -4.48
C VAL A 25 -14.20 3.73 -5.65
N PHE A 26 -13.29 4.71 -5.47
CA PHE A 26 -12.99 5.64 -6.55
C PHE A 26 -12.31 4.91 -7.71
N SER A 27 -11.29 4.08 -7.42
CA SER A 27 -10.51 3.43 -8.47
C SER A 27 -11.29 2.39 -9.27
N LYS A 28 -12.30 1.79 -8.66
CA LYS A 28 -13.16 0.81 -9.37
C LYS A 28 -14.45 1.45 -9.91
N ASP A 29 -14.84 2.65 -9.42
CA ASP A 29 -16.12 3.35 -9.72
C ASP A 29 -17.34 2.55 -9.20
N GLN A 30 -17.17 1.77 -8.11
CA GLN A 30 -18.27 0.99 -7.52
C GLN A 30 -17.91 0.55 -6.12
N PHE A 31 -18.93 0.34 -5.27
CA PHE A 31 -18.68 -0.23 -3.96
C PHE A 31 -18.74 -1.74 -4.25
N PRO A 32 -17.59 -2.44 -4.19
CA PRO A 32 -17.57 -3.89 -4.51
C PRO A 32 -18.70 -4.71 -3.89
N GLU A 33 -19.44 -5.43 -4.72
CA GLU A 33 -20.61 -6.19 -4.27
C GLU A 33 -20.32 -7.57 -3.74
N VAL A 34 -19.14 -8.12 -4.01
CA VAL A 34 -18.81 -9.48 -3.58
C VAL A 34 -17.73 -9.50 -2.48
N TYR A 35 -16.67 -8.73 -2.67
CA TYR A 35 -15.57 -8.72 -1.70
C TYR A 35 -14.96 -7.34 -1.60
N VAL A 36 -14.87 -6.80 -0.38
CA VAL A 36 -14.25 -5.50 -0.21
C VAL A 36 -12.79 -5.76 0.16
N PRO A 37 -11.85 -5.35 -0.69
CA PRO A 37 -10.43 -5.60 -0.38
C PRO A 37 -9.96 -5.06 0.98
N THR A 38 -9.07 -5.79 1.61
CA THR A 38 -8.46 -5.38 2.88
C THR A 38 -7.45 -4.25 2.65
N VAL A 39 -6.70 -4.33 1.53
CA VAL A 39 -5.65 -3.34 1.27
C VAL A 39 -5.76 -2.72 -0.14
N PHE A 40 -5.01 -1.63 -0.36
CA PHE A 40 -4.97 -0.93 -1.63
C PHE A 40 -3.47 -0.80 -1.97
N GLU A 41 -3.05 -1.21 -3.17
CA GLU A 41 -1.63 -1.14 -3.55
C GLU A 41 -1.30 0.31 -4.03
N ASN A 42 -1.73 0.66 -5.25
CA ASN A 42 -1.68 2.02 -5.80
C ASN A 42 -2.62 2.02 -7.03
N TYR A 43 -2.76 3.17 -7.66
CA TYR A 43 -3.59 3.30 -8.84
C TYR A 43 -3.20 4.61 -9.51
N VAL A 44 -3.30 4.68 -10.83
CA VAL A 44 -3.05 5.95 -11.54
C VAL A 44 -4.33 6.27 -12.30
N ALA A 45 -5.13 7.22 -11.79
CA ALA A 45 -6.44 7.59 -12.34
C ALA A 45 -6.29 8.59 -13.51
N ASP A 46 -7.05 8.41 -14.60
CA ASP A 46 -7.06 9.38 -15.69
C ASP A 46 -8.20 10.30 -15.34
N ILE A 47 -7.90 11.55 -15.02
CA ILE A 47 -8.93 12.51 -14.61
CA ILE A 47 -8.94 12.50 -14.64
C ILE A 47 -8.91 13.74 -15.53
N GLU A 48 -10.07 14.23 -15.94
CA GLU A 48 -10.15 15.44 -16.73
C GLU A 48 -10.99 16.40 -15.92
N VAL A 49 -10.39 17.50 -15.44
CA VAL A 49 -11.12 18.44 -14.61
C VAL A 49 -10.96 19.84 -15.15
N ASP A 50 -12.08 20.53 -15.40
CA ASP A 50 -12.06 21.89 -15.94
C ASP A 50 -11.21 21.99 -17.24
N GLY A 51 -11.33 21.00 -18.11
CA GLY A 51 -10.63 20.99 -19.38
C GLY A 51 -9.20 20.52 -19.36
N LYS A 52 -8.65 20.15 -18.17
CA LYS A 52 -7.26 19.71 -18.09
C LYS A 52 -7.14 18.23 -17.79
N GLN A 53 -6.26 17.51 -18.53
CA GLN A 53 -6.07 16.08 -18.32
CA GLN A 53 -6.08 16.08 -18.32
C GLN A 53 -4.91 15.83 -17.37
N VAL A 54 -5.14 15.00 -16.34
CA VAL A 54 -4.12 14.70 -15.35
C VAL A 54 -4.06 13.19 -15.11
N GLU A 55 -2.84 12.66 -14.89
CA GLU A 55 -2.69 11.28 -14.44
C GLU A 55 -2.46 11.44 -12.92
N LEU A 56 -3.42 11.03 -12.11
CA LEU A 56 -3.34 11.23 -10.66
C LEU A 56 -3.00 9.92 -9.98
N ALA A 57 -1.76 9.82 -9.47
CA ALA A 57 -1.34 8.62 -8.75
C ALA A 57 -1.89 8.64 -7.32
N LEU A 58 -2.51 7.55 -6.89
CA LEU A 58 -3.18 7.47 -5.58
C LEU A 58 -2.43 6.53 -4.62
N TRP A 59 -2.22 7.01 -3.38
CA TRP A 59 -1.53 6.22 -2.37
C TRP A 59 -2.24 6.25 -1.02
N ASP A 60 -2.20 5.12 -0.30
CA ASP A 60 -2.78 4.95 1.03
C ASP A 60 -1.64 4.87 2.08
N THR A 61 -1.89 5.38 3.29
CA THR A 61 -0.94 5.25 4.41
C THR A 61 -1.46 4.17 5.42
N ALA A 62 -2.52 3.41 5.10
CA ALA A 62 -3.06 2.39 6.01
C ALA A 62 -1.96 1.34 6.32
N GLY A 63 -1.85 0.98 7.59
CA GLY A 63 -0.85 0.06 8.09
C GLY A 63 0.39 0.79 8.60
N GLN A 64 0.59 2.07 8.22
CA GLN A 64 1.77 2.84 8.62
C GLN A 64 1.56 3.73 9.87
N GLU A 65 0.36 3.74 10.43
CA GLU A 65 0.01 4.61 11.57
C GLU A 65 0.90 4.43 12.82
N ASP A 66 1.37 3.19 13.11
CA ASP A 66 2.21 2.97 14.30
C ASP A 66 3.73 3.08 14.04
N TYR A 67 4.14 3.35 12.78
CA TYR A 67 5.55 3.31 12.40
C TYR A 67 6.02 4.67 11.90
N ASP A 68 6.52 5.48 12.84
CA ASP A 68 6.88 6.89 12.62
C ASP A 68 8.04 7.13 11.65
N ARG A 69 8.89 6.13 11.42
CA ARG A 69 9.98 6.29 10.47
C ARG A 69 9.67 5.68 9.11
N LEU A 70 8.76 4.68 9.04
CA LEU A 70 8.37 4.14 7.73
C LEU A 70 7.36 5.07 7.05
N ARG A 71 6.37 5.59 7.83
CA ARG A 71 5.26 6.37 7.31
C ARG A 71 5.67 7.58 6.46
N PRO A 72 6.66 8.40 6.88
CA PRO A 72 7.04 9.57 6.06
C PRO A 72 7.58 9.23 4.67
N LEU A 73 8.02 7.97 4.46
CA LEU A 73 8.47 7.54 3.13
C LEU A 73 7.34 7.59 2.07
N SER A 74 6.07 7.71 2.52
CA SER A 74 4.95 7.84 1.61
C SER A 74 4.85 9.29 1.06
N TYR A 75 5.42 10.29 1.78
CA TYR A 75 5.24 11.70 1.42
C TYR A 75 6.07 12.32 0.28
N PRO A 76 7.30 11.87 -0.10
CA PRO A 76 8.03 12.61 -1.16
C PRO A 76 7.24 12.96 -2.41
N ASP A 77 7.34 14.23 -2.82
CA ASP A 77 6.74 14.79 -4.01
C ASP A 77 5.23 14.70 -4.08
N THR A 78 4.56 14.71 -2.92
CA THR A 78 3.10 14.70 -2.91
C THR A 78 2.60 16.07 -3.42
N ASP A 79 1.55 16.09 -4.26
CA ASP A 79 0.95 17.31 -4.82
C ASP A 79 -0.36 17.71 -4.09
N VAL A 80 -1.05 16.73 -3.49
CA VAL A 80 -2.28 17.00 -2.75
C VAL A 80 -2.45 15.94 -1.65
N ILE A 81 -2.86 16.39 -0.45
CA ILE A 81 -3.13 15.51 0.68
C ILE A 81 -4.63 15.47 0.92
N LEU A 82 -5.21 14.26 1.04
CA LEU A 82 -6.57 14.11 1.54
C LEU A 82 -6.39 13.73 3.02
N MET A 83 -6.91 14.54 3.93
CA MET A 83 -6.80 14.26 5.35
CA MET A 83 -6.81 14.32 5.36
C MET A 83 -8.18 13.83 5.81
N CYS A 84 -8.29 12.56 6.15
CA CYS A 84 -9.53 11.91 6.42
CA CYS A 84 -9.58 11.91 6.45
C CYS A 84 -9.87 11.68 7.91
N PHE A 85 -11.16 11.76 8.24
CA PHE A 85 -11.75 11.40 9.54
C PHE A 85 -13.10 10.77 9.20
N SER A 86 -13.63 9.99 10.13
CA SER A 86 -14.92 9.39 9.94
C SER A 86 -15.97 10.19 10.73
N ILE A 87 -17.10 10.48 10.07
CA ILE A 87 -18.19 11.21 10.70
C ILE A 87 -18.82 10.40 11.87
N ASP A 88 -18.72 9.06 11.84
CA ASP A 88 -19.18 8.22 12.97
C ASP A 88 -18.14 8.13 14.12
N SER A 89 -17.07 8.94 14.06
CA SER A 89 -16.02 8.89 15.05
C SER A 89 -15.46 10.26 15.40
N PRO A 90 -16.13 11.00 16.30
CA PRO A 90 -15.59 12.32 16.71
C PRO A 90 -14.14 12.25 17.23
N ASP A 91 -13.70 11.07 17.75
CA ASP A 91 -12.32 10.83 18.21
C ASP A 91 -11.34 10.95 17.02
N SER A 92 -11.72 10.44 15.84
CA SER A 92 -10.87 10.57 14.65
C SER A 92 -10.69 12.05 14.23
N LEU A 93 -11.69 12.90 14.51
CA LEU A 93 -11.60 14.32 14.18
C LEU A 93 -10.63 15.04 15.15
N GLU A 94 -10.66 14.65 16.43
CA GLU A 94 -9.80 15.21 17.47
C GLU A 94 -8.28 15.00 17.21
N ASN A 95 -7.89 13.89 16.59
CA ASN A 95 -6.48 13.63 16.26
C ASN A 95 -5.96 14.41 15.04
N ILE A 96 -6.86 15.08 14.31
CA ILE A 96 -6.46 15.83 13.14
C ILE A 96 -5.51 17.01 13.46
N PRO A 97 -5.85 17.95 14.38
CA PRO A 97 -5.03 19.16 14.50
C PRO A 97 -3.65 19.05 15.13
N GLU A 98 -3.44 18.14 16.07
CA GLU A 98 -2.14 18.08 16.73
C GLU A 98 -1.36 16.79 16.48
N LYS A 99 -1.89 15.84 15.66
CA LYS A 99 -1.13 14.67 15.28
C LYS A 99 -0.87 14.69 13.75
N TRP A 100 -1.94 14.53 12.95
CA TRP A 100 -1.78 14.51 11.50
C TRP A 100 -1.35 15.84 10.86
N THR A 101 -1.94 16.96 11.31
CA THR A 101 -1.63 18.24 10.70
C THR A 101 -0.14 18.67 10.84
N PRO A 102 0.50 18.70 12.04
CA PRO A 102 1.92 19.11 12.07
C PRO A 102 2.83 18.15 11.29
N GLU A 103 2.46 16.84 11.22
CA GLU A 103 3.27 15.88 10.43
C GLU A 103 3.23 16.23 8.92
N VAL A 104 2.04 16.42 8.37
CA VAL A 104 1.88 16.73 6.95
C VAL A 104 2.50 18.09 6.63
N LYS A 105 2.35 19.09 7.53
CA LYS A 105 2.95 20.41 7.26
C LYS A 105 4.47 20.34 7.25
N HIS A 106 5.07 19.44 8.02
CA HIS A 106 6.52 19.26 8.10
C HIS A 106 7.07 18.61 6.83
N PHE A 107 6.52 17.42 6.43
CA PHE A 107 7.00 16.65 5.28
C PHE A 107 6.46 17.11 3.90
N CYS A 108 5.33 17.86 3.90
CA CYS A 108 4.70 18.34 2.65
C CYS A 108 4.45 19.85 2.76
N PRO A 109 5.51 20.66 2.93
CA PRO A 109 5.28 22.10 3.09
C PRO A 109 4.62 22.69 1.86
N ASN A 110 3.61 23.53 2.07
CA ASN A 110 2.92 24.22 1.00
C ASN A 110 2.03 23.31 0.12
N VAL A 111 1.84 22.05 0.52
CA VAL A 111 0.99 21.15 -0.25
C VAL A 111 -0.46 21.38 0.22
N PRO A 112 -1.43 21.58 -0.69
CA PRO A 112 -2.82 21.77 -0.22
C PRO A 112 -3.35 20.53 0.48
N ILE A 113 -4.08 20.75 1.57
CA ILE A 113 -4.72 19.69 2.35
C ILE A 113 -6.22 19.84 2.19
N ILE A 114 -6.92 18.77 1.83
CA ILE A 114 -8.37 18.80 1.79
C ILE A 114 -8.85 17.94 2.96
N LEU A 115 -9.60 18.53 3.90
CA LEU A 115 -10.13 17.76 5.02
C LEU A 115 -11.41 17.07 4.52
N VAL A 116 -11.47 15.74 4.66
CA VAL A 116 -12.59 14.96 4.15
C VAL A 116 -13.29 14.20 5.28
N GLY A 117 -14.59 14.45 5.40
CA GLY A 117 -15.42 13.73 6.36
C GLY A 117 -16.00 12.52 5.64
N ASN A 118 -15.51 11.32 5.95
CA ASN A 118 -15.95 10.06 5.36
CA ASN A 118 -16.01 10.09 5.31
C ASN A 118 -17.17 9.47 6.10
N LYS A 119 -17.86 8.48 5.49
CA LYS A 119 -18.98 7.76 6.08
C LYS A 119 -20.13 8.70 6.43
N LYS A 120 -20.40 9.69 5.56
CA LYS A 120 -21.47 10.66 5.84
C LYS A 120 -22.86 10.02 5.96
N ASP A 121 -23.04 8.81 5.39
CA ASP A 121 -24.30 8.05 5.47
C ASP A 121 -24.63 7.64 6.91
N LEU A 122 -23.63 7.56 7.81
CA LEU A 122 -23.86 7.16 9.19
C LEU A 122 -24.34 8.31 10.12
N ARG A 123 -24.36 9.56 9.62
CA ARG A 123 -24.81 10.72 10.39
C ARG A 123 -26.27 10.57 10.84
N ASN A 124 -27.09 9.88 10.04
CA ASN A 124 -28.49 9.64 10.41
C ASN A 124 -28.81 8.12 10.52
N ASP A 125 -27.80 7.35 10.95
CA ASP A 125 -27.93 5.90 11.14
C ASP A 125 -28.29 5.69 12.62
N GLU A 126 -29.39 4.95 12.90
CA GLU A 126 -29.85 4.80 14.28
C GLU A 126 -28.88 4.02 15.14
N HIS A 127 -28.30 2.93 14.62
CA HIS A 127 -27.32 2.15 15.37
C HIS A 127 -26.12 3.02 15.79
N THR A 128 -25.62 3.85 14.85
CA THR A 128 -24.49 4.74 15.10
C THR A 128 -24.83 5.74 16.20
N ARG A 129 -25.99 6.40 16.12
CA ARG A 129 -26.39 7.36 17.14
C ARG A 129 -26.55 6.73 18.53
N ARG A 130 -27.06 5.48 18.60
CA ARG A 130 -27.20 4.80 19.88
C ARG A 130 -25.82 4.46 20.46
N GLU A 131 -24.92 3.92 19.63
CA GLU A 131 -23.58 3.56 20.09
C GLU A 131 -22.77 4.74 20.61
N LEU A 132 -22.84 5.90 19.92
CA LEU A 132 -22.11 7.10 20.34
C LEU A 132 -22.68 7.74 21.59
N ALA A 133 -24.03 7.77 21.74
CA ALA A 133 -24.70 8.34 22.91
C ALA A 133 -24.32 7.67 24.24
N LYS A 134 -23.79 6.44 24.18
CA LYS A 134 -23.32 5.73 25.38
C LYS A 134 -22.00 6.35 25.91
N MET A 135 -21.21 7.01 25.02
CA MET A 135 -19.97 7.68 25.43
C MET A 135 -20.12 9.21 25.42
N LYS A 136 -21.37 9.72 25.63
CA LYS A 136 -21.70 11.14 25.62
C LYS A 136 -21.25 11.79 24.32
N GLN A 137 -21.47 11.11 23.19
CA GLN A 137 -21.05 11.59 21.89
C GLN A 137 -22.18 11.59 20.84
N GLU A 138 -21.93 12.21 19.68
CA GLU A 138 -22.86 12.22 18.55
C GLU A 138 -22.07 12.32 17.24
N PRO A 139 -22.64 11.90 16.08
CA PRO A 139 -21.87 12.00 14.83
C PRO A 139 -21.39 13.44 14.59
N VAL A 140 -20.22 13.58 13.94
CA VAL A 140 -19.64 14.89 13.63
C VAL A 140 -20.64 15.73 12.82
N LYS A 141 -20.89 16.96 13.27
CA LYS A 141 -21.81 17.90 12.59
C LYS A 141 -21.06 18.58 11.43
N PRO A 142 -21.76 18.96 10.34
CA PRO A 142 -21.06 19.64 9.23
C PRO A 142 -20.25 20.87 9.67
N GLU A 143 -20.77 21.70 10.60
CA GLU A 143 -20.03 22.88 11.06
C GLU A 143 -18.77 22.51 11.85
N GLU A 144 -18.76 21.33 12.53
CA GLU A 144 -17.58 20.88 13.25
C GLU A 144 -16.47 20.52 12.25
N GLY A 145 -16.83 19.88 11.14
CA GLY A 145 -15.87 19.56 10.10
C GLY A 145 -15.31 20.81 9.43
N ARG A 146 -16.21 21.74 9.05
CA ARG A 146 -15.79 23.00 8.42
C ARG A 146 -14.85 23.80 9.34
N ASP A 147 -15.21 23.95 10.63
CA ASP A 147 -14.40 24.73 11.58
C ASP A 147 -13.02 24.12 11.77
N MET A 148 -12.94 22.77 11.77
CA MET A 148 -11.64 22.09 11.91
C MET A 148 -10.80 22.36 10.65
N ALA A 149 -11.41 22.22 9.46
CA ALA A 149 -10.70 22.50 8.21
C ALA A 149 -10.19 23.96 8.18
N ASN A 150 -11.03 24.90 8.64
CA ASN A 150 -10.67 26.33 8.67
C ASN A 150 -9.46 26.52 9.62
N ARG A 151 -9.55 25.95 10.84
CA ARG A 151 -8.51 26.01 11.89
C ARG A 151 -7.13 25.47 11.43
N ILE A 152 -7.12 24.31 10.75
CA ILE A 152 -5.85 23.70 10.34
C ILE A 152 -5.25 24.28 9.04
N GLY A 153 -5.89 25.28 8.43
CA GLY A 153 -5.37 25.88 7.21
C GLY A 153 -5.62 25.01 5.99
N ALA A 154 -6.71 24.21 6.00
CA ALA A 154 -7.02 23.34 4.86
C ALA A 154 -7.47 24.17 3.66
N PHE A 155 -7.13 23.70 2.46
CA PHE A 155 -7.56 24.26 1.19
C PHE A 155 -9.11 24.25 1.13
N GLY A 156 -9.73 23.22 1.69
CA GLY A 156 -11.18 23.12 1.72
C GLY A 156 -11.67 21.95 2.54
N TYR A 157 -13.01 21.87 2.72
CA TYR A 157 -13.69 20.83 3.48
C TYR A 157 -14.72 20.15 2.57
N MET A 158 -14.74 18.81 2.60
CA MET A 158 -15.67 18.05 1.76
C MET A 158 -16.15 16.84 2.52
N GLU A 159 -17.34 16.31 2.15
CA GLU A 159 -17.88 15.09 2.76
C GLU A 159 -18.22 14.06 1.68
N CYS A 160 -18.15 12.79 2.04
CA CYS A 160 -18.48 11.72 1.09
C CYS A 160 -18.89 10.48 1.82
N SER A 161 -19.42 9.51 1.05
CA SER A 161 -19.78 8.19 1.55
C SER A 161 -19.22 7.15 0.57
N ALA A 162 -18.22 6.37 0.97
CA ALA A 162 -17.72 5.30 0.10
C ALA A 162 -18.84 4.25 -0.15
N LYS A 163 -19.68 4.01 0.86
CA LYS A 163 -20.79 3.07 0.80
C LYS A 163 -21.79 3.37 -0.33
N THR A 164 -22.25 4.62 -0.43
CA THR A 164 -23.22 4.99 -1.47
C THR A 164 -22.58 5.62 -2.70
N LYS A 165 -21.26 5.95 -2.64
CA LYS A 165 -20.48 6.65 -3.68
C LYS A 165 -20.77 8.17 -3.72
N ASP A 166 -21.77 8.67 -2.98
CA ASP A 166 -22.08 10.11 -3.02
C ASP A 166 -20.91 10.96 -2.55
N GLY A 167 -20.53 11.92 -3.38
CA GLY A 167 -19.46 12.85 -3.05
C GLY A 167 -18.06 12.37 -3.40
N VAL A 168 -17.91 11.10 -3.75
CA VAL A 168 -16.61 10.51 -4.04
C VAL A 168 -15.97 11.12 -5.29
N ARG A 169 -16.68 11.15 -6.43
CA ARG A 169 -16.12 11.77 -7.64
C ARG A 169 -15.67 13.22 -7.39
N GLU A 170 -16.51 14.00 -6.69
CA GLU A 170 -16.25 15.41 -6.43
C GLU A 170 -14.98 15.62 -5.61
N VAL A 171 -14.72 14.72 -4.64
CA VAL A 171 -13.51 14.81 -3.81
C VAL A 171 -12.26 14.69 -4.69
N PHE A 172 -12.21 13.64 -5.54
CA PHE A 172 -11.03 13.42 -6.38
C PHE A 172 -10.89 14.48 -7.48
N GLU A 173 -12.01 15.00 -8.03
CA GLU A 173 -11.92 16.08 -9.03
C GLU A 173 -11.37 17.34 -8.35
N MET A 174 -11.83 17.65 -7.13
CA MET A 174 -11.33 18.84 -6.41
C MET A 174 -9.85 18.64 -6.04
N ALA A 175 -9.48 17.44 -5.60
CA ALA A 175 -8.08 17.13 -5.29
C ALA A 175 -7.17 17.36 -6.51
N THR A 176 -7.67 17.05 -7.71
CA THR A 176 -6.90 17.22 -8.94
C THR A 176 -6.71 18.72 -9.20
N ARG A 177 -7.78 19.50 -9.04
CA ARG A 177 -7.70 20.96 -9.19
C ARG A 177 -6.69 21.56 -8.15
N ALA A 178 -6.73 21.08 -6.89
CA ALA A 178 -5.79 21.58 -5.87
C ALA A 178 -4.35 21.25 -6.26
N ALA A 179 -4.11 20.02 -6.76
CA ALA A 179 -2.79 19.59 -7.20
C ALA A 179 -2.26 20.44 -8.38
N LEU A 180 -3.17 20.96 -9.24
CA LEU A 180 -2.78 21.78 -10.39
C LEU A 180 -2.40 23.22 -10.01
N GLN A 181 -2.89 23.72 -8.88
CA GLN A 181 -2.61 25.10 -8.46
C GLN A 181 -1.17 25.34 -8.05
N SER B 1 4.89 -11.94 -13.93
CA SER B 1 4.26 -13.15 -13.43
CA SER B 1 4.29 -13.17 -13.43
C SER B 1 4.07 -14.17 -14.56
N MET B 2 3.95 -15.45 -14.23
CA MET B 2 3.72 -16.48 -15.23
C MET B 2 2.22 -16.70 -15.41
N GLU B 3 1.81 -17.01 -16.65
CA GLU B 3 0.41 -17.13 -17.04
C GLU B 3 -0.42 -18.04 -16.14
N MET B 4 0.14 -19.18 -15.71
CA MET B 4 -0.59 -20.12 -14.86
CA MET B 4 -0.54 -20.14 -14.84
C MET B 4 -1.02 -19.44 -13.56
N ASP B 5 -0.11 -18.72 -12.90
CA ASP B 5 -0.43 -18.04 -11.63
C ASP B 5 -1.34 -16.84 -11.83
N GLU B 6 -1.15 -16.12 -12.95
CA GLU B 6 -1.99 -14.94 -13.27
C GLU B 6 -3.45 -15.40 -13.42
N LYS B 7 -3.67 -16.48 -14.16
CA LYS B 7 -5.02 -16.97 -14.38
C LYS B 7 -5.64 -17.47 -13.07
N ASP B 8 -4.84 -18.19 -12.24
CA ASP B 8 -5.34 -18.68 -10.93
C ASP B 8 -5.75 -17.53 -10.00
N PHE B 9 -5.15 -16.34 -10.17
CA PHE B 9 -5.43 -15.16 -9.33
C PHE B 9 -6.05 -13.98 -10.14
N ALA B 10 -6.74 -14.30 -11.25
CA ALA B 10 -7.36 -13.29 -12.09
C ALA B 10 -8.65 -12.77 -11.45
N ALA B 11 -9.41 -13.64 -10.74
CA ALA B 11 -10.70 -13.21 -10.17
C ALA B 11 -10.53 -12.23 -9.01
N ASP B 12 -11.57 -11.39 -8.77
CA ASP B 12 -11.50 -10.41 -7.68
C ASP B 12 -11.55 -11.04 -6.28
N SER B 13 -11.96 -12.30 -6.17
CA SER B 13 -12.01 -12.98 -4.88
C SER B 13 -11.90 -14.52 -5.03
N TRP B 14 -11.72 -15.22 -3.90
CA TRP B 14 -11.73 -16.69 -3.89
C TRP B 14 -13.14 -17.18 -4.33
N SER B 15 -14.21 -16.50 -3.86
CA SER B 15 -15.57 -16.92 -4.20
CA SER B 15 -15.59 -16.87 -4.19
C SER B 15 -15.86 -16.83 -5.69
N LEU B 16 -15.17 -15.93 -6.41
CA LEU B 16 -15.33 -15.81 -7.88
C LEU B 16 -14.27 -16.67 -8.64
N ALA B 17 -13.19 -17.10 -7.96
CA ALA B 17 -12.16 -17.95 -8.57
C ALA B 17 -12.60 -19.42 -8.66
N VAL B 18 -13.22 -19.96 -7.59
CA VAL B 18 -13.63 -21.39 -7.59
C VAL B 18 -14.92 -21.60 -8.40
N ASP B 19 -15.22 -22.87 -8.77
CA ASP B 19 -16.47 -23.17 -9.46
C ASP B 19 -17.64 -22.87 -8.51
N SER B 20 -18.78 -22.36 -9.01
CA SER B 20 -19.92 -22.07 -8.11
C SER B 20 -20.46 -23.31 -7.41
N SER B 21 -20.41 -24.48 -8.07
CA SER B 21 -20.86 -25.73 -7.45
C SER B 21 -19.93 -26.14 -6.29
N PHE B 22 -18.66 -25.69 -6.28
CA PHE B 22 -17.72 -25.92 -5.18
C PHE B 22 -18.01 -24.90 -4.07
N LEU B 23 -18.19 -23.62 -4.43
CA LEU B 23 -18.48 -22.56 -3.46
C LEU B 23 -19.71 -22.91 -2.60
N GLN B 24 -20.76 -23.44 -3.27
CA GLN B 24 -22.03 -23.82 -2.64
C GLN B 24 -21.88 -24.83 -1.54
N GLN B 25 -20.81 -25.62 -1.54
CA GLN B 25 -20.62 -26.65 -0.52
C GLN B 25 -20.05 -26.12 0.80
N HIS B 26 -19.65 -24.84 0.86
CA HIS B 26 -19.00 -24.28 2.04
C HIS B 26 -19.83 -23.28 2.81
N LYS B 27 -19.61 -23.23 4.11
CA LYS B 27 -20.27 -22.26 4.96
C LYS B 27 -19.70 -20.88 4.68
N LYS B 28 -20.50 -19.84 4.99
CA LYS B 28 -20.14 -18.44 4.78
C LYS B 28 -18.83 -18.09 5.49
N GLU B 29 -18.63 -18.58 6.74
CA GLU B 29 -17.40 -18.26 7.46
C GLU B 29 -16.14 -18.76 6.74
N VAL B 30 -16.21 -19.95 6.12
CA VAL B 30 -15.09 -20.52 5.35
C VAL B 30 -14.84 -19.66 4.12
N MET B 31 -15.90 -19.25 3.43
CA MET B 31 -15.76 -18.36 2.27
C MET B 31 -15.07 -17.02 2.68
N LYS B 32 -15.47 -16.43 3.84
CA LYS B 32 -14.88 -15.14 4.27
C LYS B 32 -13.38 -15.33 4.57
N GLN B 33 -13.02 -16.42 5.26
CA GLN B 33 -11.62 -16.73 5.53
C GLN B 33 -10.84 -16.91 4.19
N GLN B 34 -11.39 -17.73 3.26
CA GLN B 34 -10.68 -18.00 2.00
C GLN B 34 -10.51 -16.76 1.11
N ASP B 35 -11.49 -15.85 1.14
CA ASP B 35 -11.40 -14.62 0.35
C ASP B 35 -10.16 -13.77 0.82
N VAL B 36 -9.90 -13.72 2.15
CA VAL B 36 -8.77 -12.89 2.65
C VAL B 36 -7.43 -13.61 2.39
N ILE B 37 -7.41 -14.95 2.52
CA ILE B 37 -6.19 -15.71 2.22
C ILE B 37 -5.84 -15.52 0.73
N TYR B 38 -6.86 -15.57 -0.12
CA TYR B 38 -6.70 -15.35 -1.58
C TYR B 38 -6.11 -13.93 -1.83
N GLU B 39 -6.60 -12.92 -1.12
CA GLU B 39 -6.07 -11.55 -1.27
C GLU B 39 -4.59 -11.48 -0.85
N LEU B 40 -4.21 -12.16 0.23
CA LEU B 40 -2.80 -12.17 0.68
C LEU B 40 -1.91 -12.79 -0.44
N ILE B 41 -2.34 -13.93 -1.01
CA ILE B 41 -1.53 -14.58 -2.05
C ILE B 41 -1.52 -13.75 -3.33
N GLN B 42 -2.67 -13.24 -3.75
CA GLN B 42 -2.77 -12.41 -4.96
C GLN B 42 -1.86 -11.16 -4.83
N THR B 43 -1.90 -10.46 -3.66
CA THR B 43 -1.03 -9.27 -3.48
C THR B 43 0.45 -9.67 -3.38
N GLU B 44 0.75 -10.87 -2.85
CA GLU B 44 2.15 -11.33 -2.82
C GLU B 44 2.64 -11.60 -4.26
N LEU B 45 1.79 -12.23 -5.11
CA LEU B 45 2.13 -12.50 -6.53
C LEU B 45 2.44 -11.13 -7.23
N HIS B 46 1.59 -10.11 -6.97
CA HIS B 46 1.80 -8.77 -7.53
C HIS B 46 3.09 -8.09 -7.00
N HIS B 47 3.41 -8.30 -5.73
CA HIS B 47 4.61 -7.71 -5.09
C HIS B 47 5.87 -8.35 -5.72
N VAL B 48 5.84 -9.68 -5.94
CA VAL B 48 6.97 -10.36 -6.60
C VAL B 48 7.13 -9.82 -8.04
N ARG B 49 6.01 -9.55 -8.71
CA ARG B 49 5.98 -8.99 -10.06
C ARG B 49 6.62 -7.60 -10.08
N THR B 50 6.32 -6.76 -9.07
CA THR B 50 6.92 -5.43 -8.93
C THR B 50 8.45 -5.58 -8.83
N LEU B 51 8.91 -6.54 -8.01
CA LEU B 51 10.35 -6.78 -7.89
C LEU B 51 10.98 -7.28 -9.21
N LYS B 52 10.24 -8.08 -10.01
CA LYS B 52 10.78 -8.54 -11.32
C LYS B 52 10.86 -7.36 -12.32
N ILE B 53 9.90 -6.42 -12.28
CA ILE B 53 9.98 -5.20 -13.13
C ILE B 53 11.26 -4.42 -12.75
N MET B 54 11.52 -4.27 -11.46
CA MET B 54 12.72 -3.55 -10.98
C MET B 54 14.02 -4.24 -11.40
N THR B 55 14.11 -5.56 -11.21
CA THR B 55 15.36 -6.28 -11.55
C THR B 55 15.53 -6.51 -13.05
N ARG B 56 14.51 -7.04 -13.71
CA ARG B 56 14.62 -7.43 -15.13
C ARG B 56 14.38 -6.33 -16.12
N LEU B 57 13.36 -5.49 -15.89
CA LEU B 57 13.06 -4.46 -16.88
C LEU B 57 13.95 -3.23 -16.70
N PHE B 58 13.97 -2.67 -15.49
CA PHE B 58 14.73 -1.45 -15.25
C PHE B 58 16.23 -1.69 -15.04
N ARG B 59 16.59 -2.41 -13.97
CA ARG B 59 18.00 -2.59 -13.63
C ARG B 59 18.83 -3.20 -14.78
N THR B 60 18.42 -4.37 -15.26
CA THR B 60 19.15 -5.07 -16.30
C THR B 60 19.11 -4.26 -17.61
N GLY B 61 17.98 -3.64 -17.91
CA GLY B 61 17.89 -2.79 -19.11
C GLY B 61 18.87 -1.64 -19.09
N MET B 62 19.06 -0.99 -17.92
CA MET B 62 20.01 0.11 -17.76
C MET B 62 21.46 -0.37 -17.92
N LEU B 63 21.79 -1.54 -17.35
CA LEU B 63 23.14 -2.10 -17.47
C LEU B 63 23.43 -2.50 -18.91
N GLU B 64 22.44 -3.04 -19.62
CA GLU B 64 22.65 -3.50 -20.99
C GLU B 64 22.54 -2.45 -22.11
N GLU B 65 21.78 -1.35 -21.89
N GLU B 65 21.54 -1.56 -22.06
CA GLU B 65 21.59 -0.27 -22.87
CA GLU B 65 21.32 -0.62 -23.14
C GLU B 65 22.29 1.07 -22.55
C GLU B 65 21.96 0.72 -22.91
N LEU B 66 22.50 1.39 -21.26
N LEU B 66 21.97 1.18 -21.67
CA LEU B 66 23.05 2.71 -20.91
CA LEU B 66 22.60 2.45 -21.33
C LEU B 66 24.49 2.70 -20.39
C LEU B 66 24.06 2.28 -20.91
N HIS B 67 25.18 3.84 -20.51
N HIS B 67 24.49 1.04 -20.58
CA HIS B 67 26.55 3.98 -20.04
CA HIS B 67 25.84 0.72 -20.10
C HIS B 67 26.53 4.83 -18.76
C HIS B 67 26.20 1.58 -18.88
N LEU B 68 25.96 4.29 -17.67
N LEU B 68 25.21 1.85 -18.02
CA LEU B 68 25.90 5.03 -16.41
CA LEU B 68 25.41 2.67 -16.83
C LEU B 68 27.18 4.85 -15.61
C LEU B 68 26.36 2.00 -15.85
N GLU B 69 27.50 5.80 -14.76
N GLU B 69 27.01 2.81 -15.02
CA GLU B 69 28.68 5.71 -13.90
CA GLU B 69 27.94 2.38 -13.99
C GLU B 69 28.52 4.54 -12.92
C GLU B 69 27.17 1.53 -12.97
N PRO B 70 29.59 3.77 -12.63
N PRO B 70 27.69 0.34 -12.63
CA PRO B 70 29.46 2.65 -11.71
CA PRO B 70 26.99 -0.54 -11.68
C PRO B 70 28.89 3.03 -10.33
C PRO B 70 26.65 0.10 -10.34
N GLY B 71 28.04 2.17 -9.79
N GLY B 71 27.46 1.04 -9.89
CA GLY B 71 27.38 2.44 -8.51
CA GLY B 71 27.23 1.75 -8.64
C GLY B 71 26.08 3.23 -8.63
C GLY B 71 26.05 2.70 -8.71
N VAL B 72 25.73 3.66 -9.84
N VAL B 72 25.82 3.32 -9.89
CA VAL B 72 24.49 4.40 -10.07
CA VAL B 72 24.70 4.23 -10.09
C VAL B 72 23.28 3.45 -10.11
C VAL B 72 23.40 3.41 -10.09
N VAL B 73 23.38 2.30 -10.83
CA VAL B 73 22.25 1.36 -10.90
C VAL B 73 21.93 0.74 -9.52
N GLN B 74 22.96 0.47 -8.70
CA GLN B 74 22.77 -0.05 -7.35
CA GLN B 74 22.78 -0.05 -7.35
C GLN B 74 22.08 1.01 -6.45
N GLY B 75 22.39 2.28 -6.68
CA GLY B 75 21.78 3.38 -5.93
C GLY B 75 20.31 3.56 -6.27
N LEU B 76 19.92 3.29 -7.53
CA LEU B 76 18.52 3.41 -7.96
C LEU B 76 17.70 2.21 -7.43
N PHE B 77 18.30 1.01 -7.39
CA PHE B 77 17.58 -0.22 -6.99
C PHE B 77 18.28 -0.95 -5.84
N PRO B 78 18.36 -0.33 -4.64
CA PRO B 78 19.08 -0.99 -3.53
C PRO B 78 18.42 -2.30 -3.11
N CYS B 79 19.19 -3.38 -2.82
CA CYS B 79 18.70 -4.65 -2.25
C CYS B 79 17.69 -5.42 -3.08
N VAL B 80 17.50 -5.05 -4.36
CA VAL B 80 16.45 -5.69 -5.17
CA VAL B 80 16.45 -5.67 -5.16
C VAL B 80 16.66 -7.18 -5.36
N ASP B 81 17.93 -7.65 -5.48
CA ASP B 81 18.14 -9.11 -5.63
C ASP B 81 17.77 -9.85 -4.33
N GLU B 82 18.13 -9.29 -3.17
CA GLU B 82 17.82 -9.91 -1.88
CA GLU B 82 17.82 -9.92 -1.91
C GLU B 82 16.31 -9.91 -1.64
N LEU B 83 15.64 -8.80 -1.98
CA LEU B 83 14.19 -8.70 -1.80
C LEU B 83 13.49 -9.73 -2.70
N SER B 84 13.97 -9.85 -3.94
CA SER B 84 13.38 -10.83 -4.89
C SER B 84 13.52 -12.25 -4.34
N ASP B 85 14.69 -12.58 -3.77
CA ASP B 85 14.90 -13.91 -3.20
C ASP B 85 13.95 -14.19 -2.02
N ILE B 86 13.83 -13.25 -1.08
CA ILE B 86 12.95 -13.43 0.08
C ILE B 86 11.49 -13.68 -0.36
N HIS B 87 10.96 -12.79 -1.23
CA HIS B 87 9.54 -12.83 -1.59
C HIS B 87 9.24 -13.93 -2.60
N THR B 88 10.17 -14.25 -3.51
CA THR B 88 9.90 -15.34 -4.47
C THR B 88 9.82 -16.68 -3.68
N ARG B 89 10.67 -16.86 -2.65
CA ARG B 89 10.63 -18.06 -1.85
C ARG B 89 9.33 -18.12 -1.06
N PHE B 90 8.91 -16.99 -0.47
CA PHE B 90 7.67 -16.92 0.31
C PHE B 90 6.48 -17.22 -0.60
N LEU B 91 6.42 -16.57 -1.78
CA LEU B 91 5.37 -16.81 -2.77
C LEU B 91 5.33 -18.32 -3.17
N SER B 92 6.52 -18.93 -3.36
CA SER B 92 6.58 -20.35 -3.72
CA SER B 92 6.59 -20.35 -3.72
C SER B 92 5.89 -21.22 -2.67
N GLN B 93 6.13 -20.93 -1.38
CA GLN B 93 5.49 -21.68 -0.29
C GLN B 93 3.96 -21.48 -0.26
N LEU B 94 3.47 -20.26 -0.46
CA LEU B 94 2.03 -19.96 -0.47
C LEU B 94 1.34 -20.70 -1.63
N LEU B 95 1.95 -20.64 -2.84
CA LEU B 95 1.38 -21.27 -4.02
C LEU B 95 1.41 -22.81 -3.89
N GLU B 96 2.45 -23.35 -3.23
CA GLU B 96 2.51 -24.81 -3.03
C GLU B 96 1.42 -25.26 -2.02
N ARG B 97 1.14 -24.45 -1.01
CA ARG B 97 0.09 -24.74 -0.03
C ARG B 97 -1.28 -24.80 -0.76
N ARG B 98 -1.52 -23.86 -1.69
CA ARG B 98 -2.75 -23.83 -2.47
C ARG B 98 -2.78 -25.07 -3.39
N ARG B 99 -1.68 -25.32 -4.10
CA ARG B 99 -1.60 -26.44 -5.05
C ARG B 99 -1.90 -27.81 -4.36
N GLN B 100 -1.29 -28.06 -3.19
CA GLN B 100 -1.56 -29.31 -2.45
C GLN B 100 -3.01 -29.40 -2.03
N ALA B 101 -3.69 -28.23 -1.80
CA ALA B 101 -5.09 -28.23 -1.35
C ALA B 101 -6.12 -28.41 -2.49
N LEU B 102 -5.67 -28.42 -3.76
CA LEU B 102 -6.64 -28.57 -4.88
C LEU B 102 -7.36 -29.93 -4.84
N CYS B 103 -8.64 -29.95 -5.21
CA CYS B 103 -9.36 -31.21 -5.37
C CYS B 103 -8.81 -31.94 -6.60
N PRO B 104 -8.73 -33.28 -6.55
CA PRO B 104 -8.36 -34.03 -7.76
C PRO B 104 -9.34 -33.72 -8.89
N GLY B 105 -8.81 -33.53 -10.09
CA GLY B 105 -9.64 -33.17 -11.25
C GLY B 105 -9.89 -31.68 -11.38
N SER B 106 -9.27 -30.86 -10.49
CA SER B 106 -9.47 -29.41 -10.55
C SER B 106 -8.17 -28.64 -10.48
N THR B 107 -8.08 -27.53 -11.22
CA THR B 107 -6.95 -26.63 -11.08
C THR B 107 -7.41 -25.33 -10.40
N ARG B 108 -8.68 -25.26 -9.87
CA ARG B 108 -9.10 -24.03 -9.21
C ARG B 108 -9.82 -24.19 -7.89
N ASN B 109 -10.33 -25.39 -7.58
CA ASN B 109 -11.09 -25.59 -6.34
C ASN B 109 -10.21 -26.08 -5.20
N PHE B 110 -10.06 -25.25 -4.15
CA PHE B 110 -9.24 -25.56 -2.99
C PHE B 110 -9.72 -24.78 -1.76
N VAL B 111 -9.33 -25.25 -0.57
CA VAL B 111 -9.53 -24.55 0.70
C VAL B 111 -8.20 -24.67 1.47
N ILE B 112 -7.62 -23.56 1.91
CA ILE B 112 -6.39 -23.58 2.70
C ILE B 112 -6.84 -23.48 4.17
N HIS B 113 -6.66 -24.57 4.91
CA HIS B 113 -7.04 -24.61 6.33
C HIS B 113 -5.87 -24.26 7.26
N ARG B 114 -4.59 -24.38 6.83
N ARG B 114 -4.66 -24.47 6.80
CA ARG B 114 -3.44 -24.23 7.74
CA ARG B 114 -3.47 -24.23 7.55
C ARG B 114 -2.36 -23.16 7.43
C ARG B 114 -2.63 -23.21 6.81
N LEU B 115 -2.77 -21.95 7.13
N LEU B 115 -2.61 -21.99 7.35
CA LEU B 115 -1.85 -20.87 6.82
CA LEU B 115 -1.81 -20.89 6.84
C LEU B 115 -0.90 -20.40 7.98
C LEU B 115 -0.90 -20.39 7.98
N GLY B 116 -1.42 -20.36 9.20
CA GLY B 116 -0.67 -19.88 10.36
C GLY B 116 0.76 -20.39 10.51
N ASP B 117 0.95 -21.71 10.33
CA ASP B 117 2.28 -22.33 10.47
CA ASP B 117 2.27 -22.34 10.45
C ASP B 117 3.27 -21.79 9.42
N LEU B 118 2.80 -21.55 8.20
CA LEU B 118 3.62 -21.03 7.13
C LEU B 118 4.03 -19.60 7.50
N LEU B 119 3.08 -18.79 7.99
CA LEU B 119 3.38 -17.42 8.39
C LEU B 119 4.35 -17.36 9.58
N ILE B 120 4.23 -18.28 10.56
CA ILE B 120 5.16 -18.28 11.70
C ILE B 120 6.58 -18.58 11.17
N SER B 121 6.70 -19.55 10.26
CA SER B 121 7.99 -19.88 9.67
CA SER B 121 7.98 -19.90 9.66
C SER B 121 8.60 -18.68 8.92
N GLN B 122 7.80 -18.00 8.09
CA GLN B 122 8.31 -16.85 7.33
C GLN B 122 8.80 -15.73 8.27
N PHE B 123 8.04 -15.46 9.33
CA PHE B 123 8.32 -14.34 10.20
C PHE B 123 9.06 -14.70 11.51
N SER B 124 9.80 -15.83 11.51
CA SER B 124 10.67 -16.21 12.64
C SER B 124 12.02 -16.74 12.12
N GLY B 125 13.02 -16.90 13.00
CA GLY B 125 14.33 -17.44 12.64
C GLY B 125 15.11 -16.67 11.58
N PRO B 126 16.06 -17.35 10.90
CA PRO B 126 16.87 -16.67 9.88
C PRO B 126 16.09 -15.91 8.81
N SER B 127 14.94 -16.43 8.30
CA SER B 127 14.20 -15.70 7.28
C SER B 127 13.69 -14.35 7.83
N ALA B 128 13.26 -14.29 9.11
CA ALA B 128 12.83 -13.01 9.71
C ALA B 128 14.04 -12.06 9.87
N GLU B 129 15.21 -12.59 10.29
CA GLU B 129 16.43 -11.75 10.43
C GLU B 129 16.83 -11.18 9.06
N GLN B 130 16.73 -12.01 8.01
CA GLN B 130 17.05 -11.56 6.66
CA GLN B 130 17.03 -11.59 6.65
C GLN B 130 16.06 -10.47 6.22
N MET B 131 14.75 -10.64 6.50
CA MET B 131 13.75 -9.61 6.15
C MET B 131 14.05 -8.32 6.90
N CYS B 132 14.36 -8.43 8.20
CA CYS B 132 14.66 -7.24 9.00
C CYS B 132 15.89 -6.49 8.48
N LYS B 133 16.97 -7.22 8.17
CA LYS B 133 18.20 -6.58 7.68
C LYS B 133 17.99 -5.90 6.31
N THR B 134 17.27 -6.62 5.41
CA THR B 134 17.06 -6.14 4.06
C THR B 134 16.13 -4.91 4.02
N TYR B 135 14.99 -4.94 4.73
CA TYR B 135 14.10 -3.76 4.73
C TYR B 135 14.71 -2.57 5.48
N SER B 136 15.55 -2.82 6.51
CA SER B 136 16.21 -1.72 7.24
C SER B 136 17.15 -0.99 6.26
N GLU B 137 17.88 -1.75 5.43
CA GLU B 137 18.78 -1.20 4.42
C GLU B 137 17.97 -0.52 3.28
N PHE B 138 16.95 -1.22 2.73
CA PHE B 138 16.13 -0.69 1.64
C PHE B 138 15.44 0.63 2.01
N CYS B 139 14.70 0.63 3.12
CA CYS B 139 13.96 1.80 3.56
C CYS B 139 14.86 2.96 3.95
N SER B 140 16.10 2.67 4.45
CA SER B 140 17.06 3.76 4.73
C SER B 140 17.64 4.36 3.41
N ARG B 141 17.58 3.61 2.30
CA ARG B 141 18.09 4.07 1.00
C ARG B 141 17.01 4.58 0.03
N HIS B 142 15.75 4.60 0.49
CA HIS B 142 14.57 4.93 -0.30
C HIS B 142 14.65 6.36 -0.85
N SER B 143 14.81 7.38 0.02
CA SER B 143 14.87 8.77 -0.43
CA SER B 143 14.89 8.78 -0.39
C SER B 143 16.06 9.02 -1.38
N LYS B 144 17.21 8.39 -1.13
CA LYS B 144 18.39 8.56 -1.98
C LYS B 144 18.12 8.04 -3.40
N ALA B 145 17.42 6.89 -3.48
CA ALA B 145 17.10 6.27 -4.77
C ALA B 145 16.20 7.21 -5.58
N LEU B 146 15.17 7.80 -4.95
CA LEU B 146 14.23 8.70 -5.63
C LEU B 146 14.95 9.96 -6.14
N LYS B 147 15.84 10.53 -5.33
CA LYS B 147 16.59 11.73 -5.74
C LYS B 147 17.55 11.42 -6.88
N LEU B 148 18.22 10.25 -6.84
CA LEU B 148 19.13 9.82 -7.91
C LEU B 148 18.34 9.66 -9.21
N TYR B 149 17.13 9.06 -9.12
CA TYR B 149 16.26 8.89 -10.28
C TYR B 149 15.93 10.24 -10.91
N LYS B 150 15.45 11.18 -10.07
CA LYS B 150 15.04 12.50 -10.55
C LYS B 150 16.20 13.26 -11.19
N GLU B 151 17.41 13.14 -10.64
CA GLU B 151 18.57 13.80 -11.20
CA GLU B 151 18.59 13.80 -11.20
C GLU B 151 18.92 13.23 -12.59
N LEU B 152 18.94 11.90 -12.72
CA LEU B 152 19.25 11.26 -14.00
C LEU B 152 18.22 11.57 -15.07
N TYR B 153 16.91 11.58 -14.70
CA TYR B 153 15.85 11.84 -15.67
C TYR B 153 15.92 13.27 -16.23
N ALA B 154 16.33 14.22 -15.40
CA ALA B 154 16.37 15.62 -15.82
C ALA B 154 17.60 15.99 -16.64
N ARG B 155 18.73 15.31 -16.41
CA ARG B 155 19.97 15.68 -17.07
CA ARG B 155 20.02 15.64 -17.00
C ARG B 155 20.48 14.70 -18.12
N ASP B 156 20.02 13.43 -18.13
CA ASP B 156 20.49 12.45 -19.12
C ASP B 156 19.44 12.08 -20.18
N LYS B 157 19.68 12.51 -21.44
CA LYS B 157 18.79 12.25 -22.57
C LYS B 157 18.57 10.77 -22.83
N ARG B 158 19.64 9.96 -22.88
CA ARG B 158 19.50 8.54 -23.14
C ARG B 158 18.72 7.85 -21.99
N PHE B 159 18.91 8.32 -20.74
CA PHE B 159 18.20 7.77 -19.58
C PHE B 159 16.69 8.07 -19.68
N GLN B 160 16.36 9.30 -20.06
CA GLN B 160 14.98 9.76 -20.21
C GLN B 160 14.28 8.94 -21.32
N GLN B 161 14.96 8.74 -22.48
CA GLN B 161 14.38 7.94 -23.57
C GLN B 161 14.17 6.49 -23.17
N PHE B 162 15.14 5.92 -22.41
CA PHE B 162 15.03 4.54 -21.93
C PHE B 162 13.78 4.42 -21.03
N ILE B 163 13.64 5.32 -20.05
CA ILE B 163 12.49 5.28 -19.13
C ILE B 163 11.17 5.43 -19.90
N ARG B 164 11.08 6.46 -20.78
CA ARG B 164 9.84 6.67 -21.53
C ARG B 164 9.51 5.46 -22.42
N LYS B 165 10.53 4.78 -22.93
CA LYS B 165 10.34 3.61 -23.79
C LYS B 165 9.78 2.40 -23.00
N VAL B 166 10.45 2.02 -21.89
CA VAL B 166 10.06 0.82 -21.16
C VAL B 166 8.81 0.98 -20.30
N THR B 167 8.42 2.23 -19.98
CA THR B 167 7.20 2.49 -19.20
C THR B 167 6.00 2.92 -20.08
N ARG B 168 6.15 2.96 -21.40
CA ARG B 168 5.07 3.32 -22.31
C ARG B 168 3.90 2.30 -22.31
N PRO B 169 4.16 0.96 -22.28
CA PRO B 169 3.02 0.01 -22.31
C PRO B 169 1.99 0.25 -21.19
N ALA B 170 0.70 0.10 -21.50
CA ALA B 170 -0.36 0.29 -20.51
C ALA B 170 -0.19 -0.60 -19.25
N VAL B 171 0.36 -1.84 -19.39
CA VAL B 171 0.55 -2.69 -18.21
C VAL B 171 1.58 -2.12 -17.21
N LEU B 172 2.39 -1.12 -17.61
CA LEU B 172 3.35 -0.46 -16.70
C LEU B 172 2.78 0.87 -16.11
N LYS B 173 1.51 1.18 -16.33
CA LYS B 173 0.94 2.46 -15.88
C LYS B 173 1.17 2.80 -14.41
N ARG B 174 1.07 1.81 -13.52
CA ARG B 174 1.26 2.03 -12.06
C ARG B 174 2.69 1.71 -11.60
N HIS B 175 3.59 1.33 -12.51
CA HIS B 175 4.90 0.80 -12.13
C HIS B 175 6.12 1.54 -12.71
N GLY B 176 6.10 2.87 -12.64
CA GLY B 176 7.32 3.62 -12.93
C GLY B 176 8.35 3.37 -11.82
N VAL B 177 9.58 3.87 -11.99
CA VAL B 177 10.66 3.64 -10.99
C VAL B 177 10.29 4.07 -9.56
N GLN B 178 9.80 5.30 -9.40
CA GLN B 178 9.47 5.80 -8.06
C GLN B 178 8.28 5.03 -7.46
N GLU B 179 7.31 4.68 -8.29
CA GLU B 179 6.13 3.92 -7.86
C GLU B 179 6.58 2.53 -7.36
N CYS B 180 7.50 1.84 -8.07
CA CYS B 180 7.99 0.53 -7.61
C CYS B 180 8.64 0.65 -6.23
N ILE B 181 9.48 1.69 -6.03
CA ILE B 181 10.18 1.85 -4.75
C ILE B 181 9.15 2.01 -3.61
N LEU B 182 8.12 2.89 -3.80
CA LEU B 182 7.13 3.05 -2.73
C LEU B 182 6.27 1.79 -2.54
N LEU B 183 5.94 1.09 -3.64
CA LEU B 183 5.17 -0.17 -3.53
C LEU B 183 5.92 -1.20 -2.63
N VAL B 184 7.26 -1.25 -2.79
CA VAL B 184 8.06 -2.19 -1.99
C VAL B 184 8.10 -1.76 -0.53
N THR B 185 8.37 -0.46 -0.28
CA THR B 185 8.40 0.04 1.10
C THR B 185 7.06 -0.21 1.83
N GLN B 186 5.94 -0.01 1.11
CA GLN B 186 4.62 -0.18 1.73
C GLN B 186 4.18 -1.63 1.90
N ARG B 187 4.84 -2.56 1.19
CA ARG B 187 4.41 -3.97 1.27
C ARG B 187 4.41 -4.54 2.70
N ILE B 188 5.50 -4.31 3.44
CA ILE B 188 5.63 -4.90 4.76
C ILE B 188 4.56 -4.47 5.75
N THR B 189 4.05 -3.23 5.62
CA THR B 189 3.00 -2.76 6.51
C THR B 189 1.59 -3.25 6.10
N LYS B 190 1.45 -3.93 4.96
CA LYS B 190 0.16 -4.53 4.58
C LYS B 190 -0.07 -5.84 5.35
N TYR B 191 1.01 -6.57 5.70
CA TYR B 191 0.88 -7.89 6.31
C TYR B 191 0.00 -7.92 7.58
N PRO B 192 0.16 -7.02 8.60
CA PRO B 192 -0.71 -7.13 9.79
C PRO B 192 -2.18 -6.95 9.45
N LEU B 193 -2.50 -6.07 8.49
CA LEU B 193 -3.89 -5.82 8.10
CA LEU B 193 -3.90 -5.84 8.11
C LEU B 193 -4.50 -7.12 7.52
N LEU B 194 -3.77 -7.78 6.61
CA LEU B 194 -4.25 -9.02 5.99
C LEU B 194 -4.35 -10.15 7.05
N ILE B 195 -3.29 -10.36 7.86
CA ILE B 195 -3.29 -11.41 8.88
C ILE B 195 -4.40 -11.21 9.91
N SER B 196 -4.62 -9.97 10.41
CA SER B 196 -5.68 -9.73 11.40
CA SER B 196 -5.68 -9.73 11.39
CA SER B 196 -5.68 -9.73 11.39
C SER B 196 -7.05 -10.10 10.82
N ARG B 197 -7.30 -9.75 9.54
CA ARG B 197 -8.59 -10.07 8.93
C ARG B 197 -8.72 -11.60 8.69
N ILE B 198 -7.62 -12.30 8.35
CA ILE B 198 -7.70 -13.78 8.21
C ILE B 198 -8.05 -14.39 9.59
N LEU B 199 -7.38 -13.90 10.64
CA LEU B 199 -7.57 -14.36 12.01
C LEU B 199 -9.03 -14.16 12.46
N GLN B 200 -9.64 -13.05 12.11
CA GLN B 200 -11.03 -12.77 12.43
C GLN B 200 -11.99 -13.89 11.97
N HIS B 201 -11.65 -14.58 10.88
CA HIS B 201 -12.46 -15.66 10.33
C HIS B 201 -11.83 -17.06 10.52
N SER B 202 -10.90 -17.20 11.49
CA SER B 202 -10.22 -18.48 11.70
C SER B 202 -10.37 -19.02 13.12
N HIS B 203 -11.52 -18.75 13.75
CA HIS B 203 -11.77 -19.23 15.10
C HIS B 203 -12.26 -20.71 15.18
N GLY B 204 -12.73 -21.26 14.06
CA GLY B 204 -13.25 -22.62 13.99
C GLY B 204 -12.31 -23.72 14.48
N ILE B 205 -11.00 -23.56 14.23
CA ILE B 205 -9.99 -24.51 14.69
CA ILE B 205 -10.00 -24.51 14.68
C ILE B 205 -9.09 -23.75 15.65
N GLU B 206 -9.10 -24.12 16.92
CA GLU B 206 -8.32 -23.42 17.92
C GLU B 206 -6.81 -23.37 17.62
N GLU B 207 -6.21 -24.48 17.13
CA GLU B 207 -4.78 -24.49 16.73
C GLU B 207 -4.51 -23.39 15.65
N GLU B 208 -5.45 -23.20 14.70
CA GLU B 208 -5.25 -22.20 13.63
C GLU B 208 -5.35 -20.79 14.20
N ARG B 209 -6.34 -20.55 15.07
CA ARG B 209 -6.49 -19.22 15.72
C ARG B 209 -5.20 -18.88 16.49
N GLN B 210 -4.67 -19.86 17.25
CA GLN B 210 -3.43 -19.63 18.00
C GLN B 210 -2.24 -19.35 17.07
N ASP B 211 -2.09 -20.14 16.00
CA ASP B 211 -0.98 -19.93 15.05
C ASP B 211 -1.03 -18.56 14.38
N LEU B 212 -2.21 -18.11 13.97
CA LEU B 212 -2.35 -16.80 13.31
C LEU B 212 -2.09 -15.68 14.35
N THR B 213 -2.48 -15.90 15.63
CA THR B 213 -2.21 -14.91 16.67
C THR B 213 -0.67 -14.78 16.88
N THR B 214 0.05 -15.92 16.92
CA THR B 214 1.50 -15.91 17.03
C THR B 214 2.13 -15.21 15.79
N ALA B 215 1.63 -15.54 14.58
CA ALA B 215 2.18 -14.93 13.35
C ALA B 215 2.01 -13.42 13.36
N LEU B 216 0.84 -12.94 13.81
CA LEU B 216 0.55 -11.50 13.85
C LEU B 216 1.53 -10.77 14.78
N GLY B 217 1.80 -11.37 15.94
CA GLY B 217 2.78 -10.84 16.89
C GLY B 217 4.19 -10.79 16.31
N LEU B 218 4.58 -11.85 15.57
CA LEU B 218 5.91 -11.87 14.93
C LEU B 218 6.06 -10.77 13.86
N VAL B 219 5.02 -10.59 13.02
CA VAL B 219 5.04 -9.56 11.97
C VAL B 219 5.17 -8.16 12.61
N LYS B 220 4.40 -7.91 13.67
CA LYS B 220 4.49 -6.63 14.38
C LYS B 220 5.87 -6.41 14.99
N GLU B 221 6.50 -7.46 15.55
CA GLU B 221 7.84 -7.33 16.13
CA GLU B 221 7.85 -7.33 16.12
C GLU B 221 8.83 -6.99 15.01
N LEU B 222 8.71 -7.66 13.84
CA LEU B 222 9.59 -7.40 12.68
C LEU B 222 9.44 -5.91 12.27
N LEU B 223 8.19 -5.45 12.10
CA LEU B 223 7.95 -4.04 11.69
C LEU B 223 8.54 -3.03 12.68
N SER B 224 8.38 -3.28 13.99
CA SER B 224 8.92 -2.38 15.00
CA SER B 224 8.92 -2.41 15.02
C SER B 224 10.45 -2.31 14.90
N ASN B 225 11.11 -3.47 14.66
CA ASN B 225 12.57 -3.52 14.51
C ASN B 225 13.02 -2.77 13.24
N VAL B 226 12.33 -2.98 12.11
CA VAL B 226 12.66 -2.28 10.87
C VAL B 226 12.51 -0.75 11.08
N ASP B 227 11.37 -0.33 11.64
CA ASP B 227 11.08 1.09 11.88
C ASP B 227 12.18 1.73 12.76
N GLU B 228 12.68 0.98 13.78
CA GLU B 228 13.73 1.49 14.66
C GLU B 228 15.12 1.52 14.00
N GLY B 229 15.32 0.78 12.93
CA GLY B 229 16.60 0.70 12.25
C GLY B 229 16.75 1.60 11.04
N ILE B 230 15.79 2.50 10.80
CA ILE B 230 15.82 3.38 9.64
C ILE B 230 16.42 4.74 9.97
N TYR B 231 17.36 5.19 9.13
CA TYR B 231 17.91 6.54 9.17
C TYR B 231 18.19 6.84 7.70
N GLN B 232 17.48 7.82 7.12
CA GLN B 232 17.60 8.11 5.70
C GLN B 232 18.98 8.58 5.28
N LEU B 233 19.56 7.88 4.32
CA LEU B 233 20.84 8.28 3.75
C LEU B 233 20.60 9.44 2.77
N GLU B 234 21.59 10.32 2.65
CA GLU B 234 21.47 11.45 1.75
C GLU B 234 22.80 11.63 1.06
N LYS B 235 22.83 11.60 -0.27
CA LYS B 235 24.05 11.77 -1.05
C LYS B 235 24.76 13.08 -0.66
N GLY B 236 26.06 13.00 -0.37
CA GLY B 236 26.84 14.17 0.02
C GLY B 236 26.58 14.66 1.43
N ALA B 237 25.97 13.81 2.29
CA ALA B 237 25.72 14.22 3.69
C ALA B 237 27.08 14.31 4.38
N ARG B 238 27.27 15.33 5.21
CA ARG B 238 28.52 15.48 5.93
C ARG B 238 28.41 14.78 7.28
N LEU B 239 29.54 14.26 7.79
CA LEU B 239 29.59 13.59 9.08
CA LEU B 239 29.56 13.60 9.08
C LEU B 239 28.97 14.47 10.19
N GLN B 240 29.25 15.78 10.16
CA GLN B 240 28.72 16.70 11.17
C GLN B 240 27.19 16.70 11.20
N GLU B 241 26.54 16.66 10.03
CA GLU B 241 25.06 16.59 10.00
C GLU B 241 24.58 15.24 10.56
N ILE B 242 25.34 14.17 10.32
CA ILE B 242 24.97 12.85 10.81
C ILE B 242 25.10 12.76 12.34
N TYR B 243 26.29 13.10 12.92
CA TYR B 243 26.44 12.99 14.37
C TYR B 243 25.68 14.05 15.15
N ASN B 244 25.13 15.10 14.48
CA ASN B 244 24.28 16.06 15.18
C ASN B 244 22.80 15.68 15.00
N ARG B 245 22.48 14.39 14.65
CA ARG B 245 21.11 13.91 14.44
C ARG B 245 20.28 14.12 15.69
#